data_9JLH
#
_entry.id   9JLH
#
_cell.length_a   51.301
_cell.length_b   57.952
_cell.length_c   60.910
_cell.angle_alpha   90.00
_cell.angle_beta   109.81
_cell.angle_gamma   90.00
#
_symmetry.space_group_name_H-M   'P 1 21 1'
#
loop_
_entity.id
_entity.type
_entity.pdbx_description
1 polymer 'Aromatic peroxygenase'
2 non-polymer 'PROTOPORPHYRIN IX CONTAINING FE'
3 non-polymer 'MAGNESIUM ION'
4 non-polymer 2-acetamido-2-deoxy-beta-D-glucopyranose
5 water water
#
_entity_poly.entity_id   1
_entity_poly.type   'polypeptide(L)'
_entity_poly.pdbx_seq_one_letter_code
;EPGLPPGPLENSSAKLVNDEAHPWKPLRPGDIRGPCPGLNTLASHGYLPRNGVATPAQIINAVQEGFNFDNKAAIFATYA
AHLVDGNLITDLLSIGRKTRLTGPDPPPPASVGGLNEHGTFEGDASMTRGDAFFGNNHDFNETLFEQLVDYSNRFGGGKY
NLTVAGELRFKRIQDSIATNPNFSFVDFRFFTAYAETTFPANLFVDGRRDDGQLDMDAARSFFQFSRMPDDFFRAPSPRS
VTGVEVVVQAHPMQPGRNVGKINSYTVDPTSSDFSTPCLMYEKFVNITVKSLYPNPTVQLRKALNTNLDFLFQGVAAGCT
QVFPYGRD
;
_entity_poly.pdbx_strand_id   A
#
loop_
_chem_comp.id
_chem_comp.type
_chem_comp.name
_chem_comp.formula
HEM non-polymer 'PROTOPORPHYRIN IX CONTAINING FE' 'C34 H32 Fe N4 O4'
MG non-polymer 'MAGNESIUM ION' 'Mg 2'
NAG D-saccharide, beta linking 2-acetamido-2-deoxy-beta-D-glucopyranose 'C8 H15 N O6'
#
# COMPACT_ATOMS: atom_id res chain seq x y z
N GLU A 1 13.52 -6.57 -20.41
CA GLU A 1 12.33 -5.75 -20.59
C GLU A 1 11.88 -5.07 -19.28
N PRO A 2 11.84 -5.78 -18.15
CA PRO A 2 11.63 -5.07 -16.89
C PRO A 2 12.77 -4.10 -16.61
N GLY A 3 12.43 -2.85 -16.31
CA GLY A 3 13.44 -1.86 -16.02
C GLY A 3 14.07 -2.08 -14.65
N LEU A 4 15.29 -1.58 -14.50
CA LEU A 4 15.96 -1.69 -13.21
C LEU A 4 15.24 -0.83 -12.17
N PRO A 5 15.17 -1.28 -10.92
CA PRO A 5 14.62 -0.42 -9.86
C PRO A 5 15.41 0.87 -9.79
N PRO A 6 14.72 2.01 -9.80
CA PRO A 6 15.42 3.28 -9.55
C PRO A 6 16.15 3.29 -8.22
N GLY A 7 17.19 4.11 -8.14
CA GLY A 7 17.89 4.28 -6.89
C GLY A 7 17.31 5.45 -6.11
N PRO A 8 17.84 5.72 -4.92
CA PRO A 8 17.30 6.83 -4.12
C PRO A 8 17.51 8.18 -4.78
N LEU A 9 16.75 9.17 -4.30
CA LEU A 9 16.83 10.51 -4.84
C LEU A 9 18.23 11.07 -4.68
N GLU A 10 18.73 11.69 -5.76
CA GLU A 10 19.98 12.45 -5.66
C GLU A 10 19.82 13.66 -4.75
N ASN A 11 18.67 14.32 -4.80
CA ASN A 11 18.38 15.46 -3.92
C ASN A 11 17.04 15.20 -3.23
N SER A 12 17.07 14.98 -1.91
CA SER A 12 15.88 14.58 -1.16
C SER A 12 15.32 15.70 -0.28
N SER A 13 15.66 16.95 -0.58
CA SER A 13 15.15 18.09 0.21
C SER A 13 13.66 18.26 -0.02
N ALA A 14 13.02 18.92 0.94
CA ALA A 14 11.64 19.33 0.69
C ALA A 14 11.59 20.30 -0.50
N LYS A 15 10.49 20.24 -1.26
CA LYS A 15 10.27 21.16 -2.37
C LYS A 15 8.81 21.11 -2.75
N LEU A 16 8.38 22.11 -3.50
CA LEU A 16 7.01 22.17 -3.98
C LEU A 16 6.79 21.03 -4.96
N VAL A 17 5.85 20.13 -4.65
CA VAL A 17 5.54 19.05 -5.57
C VAL A 17 4.20 19.26 -6.25
N ASN A 18 3.36 20.15 -5.73
CA ASN A 18 2.15 20.60 -6.43
C ASN A 18 2.52 21.79 -7.31
N ASP A 19 3.28 21.51 -8.36
CA ASP A 19 3.90 22.57 -9.15
C ASP A 19 3.29 22.63 -10.56
N GLU A 20 3.80 23.55 -11.37
CA GLU A 20 3.17 23.80 -12.68
C GLU A 20 3.19 22.57 -13.57
N ALA A 21 4.25 21.75 -13.46
CA ALA A 21 4.41 20.55 -14.25
C ALA A 21 3.52 19.40 -13.76
N HIS A 22 2.96 19.48 -12.57
CA HIS A 22 2.17 18.38 -12.00
C HIS A 22 0.85 18.88 -11.42
N PRO A 23 -0.01 19.47 -12.26
CA PRO A 23 -1.30 19.98 -11.77
C PRO A 23 -2.27 18.86 -11.49
N TRP A 24 -3.18 19.10 -10.55
CA TRP A 24 -4.27 18.15 -10.35
C TRP A 24 -5.23 18.23 -11.53
N LYS A 25 -5.71 17.07 -11.98
CA LYS A 25 -6.77 17.07 -12.99
C LYS A 25 -7.81 16.03 -12.60
N PRO A 26 -9.08 16.28 -12.94
CA PRO A 26 -10.14 15.34 -12.63
C PRO A 26 -10.01 14.07 -13.45
N LEU A 27 -10.73 13.05 -13.02
CA LEU A 27 -10.72 11.77 -13.71
C LEU A 27 -11.44 11.88 -15.04
N ARG A 28 -10.87 11.26 -16.07
CA ARG A 28 -11.52 11.03 -17.35
C ARG A 28 -12.18 9.67 -17.36
N PRO A 29 -13.13 9.42 -18.25
CA PRO A 29 -13.68 8.07 -18.37
C PRO A 29 -12.55 7.08 -18.61
N GLY A 30 -12.58 5.97 -17.89
CA GLY A 30 -11.55 4.97 -18.01
C GLY A 30 -10.37 5.14 -17.07
N ASP A 31 -10.19 6.31 -16.47
CA ASP A 31 -9.08 6.48 -15.54
C ASP A 31 -9.31 5.65 -14.29
N ILE A 32 -8.26 4.95 -13.87
CA ILE A 32 -8.34 3.98 -12.77
C ILE A 32 -7.74 4.57 -11.51
N ARG A 33 -8.51 4.54 -10.41
CA ARG A 33 -7.99 4.86 -9.08
C ARG A 33 -8.38 3.71 -8.16
N GLY A 34 -7.62 3.53 -7.06
CA GLY A 34 -7.80 2.36 -6.24
C GLY A 34 -7.71 2.64 -4.74
N PRO A 35 -7.24 1.64 -4.00
CA PRO A 35 -7.30 1.68 -2.53
C PRO A 35 -6.20 2.50 -1.88
N CYS A 36 -5.21 2.97 -2.65
CA CYS A 36 -4.06 3.69 -2.11
C CYS A 36 -4.17 5.17 -2.40
N PRO A 37 -4.37 6.02 -1.40
CA PRO A 37 -4.43 7.46 -1.67
C PRO A 37 -3.11 8.04 -2.17
N GLY A 38 -1.95 7.40 -1.87
CA GLY A 38 -0.67 7.93 -2.31
C GLY A 38 -0.50 7.78 -3.81
N LEU A 39 -0.61 6.54 -4.30
CA LEU A 39 -0.59 6.30 -5.73
C LEU A 39 -1.71 7.06 -6.45
N ASN A 40 -2.94 7.08 -5.88
CA ASN A 40 -4.02 7.82 -6.53
C ASN A 40 -3.64 9.28 -6.75
N THR A 41 -3.04 9.90 -5.71
CA THR A 41 -2.69 11.33 -5.81
C THR A 41 -1.57 11.53 -6.81
N LEU A 42 -0.62 10.60 -6.85
CA LEU A 42 0.47 10.72 -7.82
C LEU A 42 -0.07 10.64 -9.25
N ALA A 43 -1.03 9.74 -9.49
CA ALA A 43 -1.64 9.65 -10.80
C ALA A 43 -2.43 10.91 -11.13
N SER A 44 -3.18 11.43 -10.16
CA SER A 44 -4.00 12.61 -10.44
C SER A 44 -3.19 13.89 -10.52
N HIS A 45 -1.89 13.86 -10.26
CA HIS A 45 -1.01 15.00 -10.51
C HIS A 45 -0.02 14.73 -11.63
N GLY A 46 -0.16 13.60 -12.32
CA GLY A 46 0.71 13.29 -13.43
C GLY A 46 2.12 12.90 -13.06
N TYR A 47 2.38 12.56 -11.79
CA TYR A 47 3.64 11.88 -11.48
C TYR A 47 3.64 10.45 -12.00
N LEU A 48 2.48 9.84 -12.07
CA LEU A 48 2.19 8.57 -12.71
C LEU A 48 1.30 8.86 -13.92
N PRO A 49 1.24 7.95 -14.90
CA PRO A 49 0.22 8.10 -15.96
C PRO A 49 -1.16 8.32 -15.36
N ARG A 50 -1.88 9.30 -15.92
CA ARG A 50 -3.14 9.74 -15.33
C ARG A 50 -4.23 8.68 -15.43
N ASN A 51 -4.07 7.68 -16.30
CA ASN A 51 -5.07 6.62 -16.37
C ASN A 51 -4.84 5.52 -15.31
N GLY A 52 -3.77 5.60 -14.51
CA GLY A 52 -3.62 4.69 -13.39
C GLY A 52 -3.02 3.35 -13.72
N VAL A 53 -2.34 3.23 -14.87
CA VAL A 53 -1.61 2.02 -15.24
C VAL A 53 -0.16 2.42 -15.41
N ALA A 54 0.74 1.74 -14.72
CA ALA A 54 2.12 2.19 -14.70
C ALA A 54 3.07 1.00 -14.61
N THR A 55 4.35 1.24 -14.98
CA THR A 55 5.41 0.27 -14.73
C THR A 55 5.89 0.35 -13.29
N PRO A 56 6.48 -0.71 -12.77
CA PRO A 56 7.10 -0.61 -11.44
C PRO A 56 8.11 0.54 -11.33
N ALA A 57 8.95 0.75 -12.35
CA ALA A 57 9.92 1.84 -12.25
C ALA A 57 9.22 3.20 -12.20
N GLN A 58 8.12 3.36 -12.94
CA GLN A 58 7.37 4.62 -12.85
C GLN A 58 6.81 4.83 -11.45
N ILE A 59 6.34 3.75 -10.81
CA ILE A 59 5.78 3.89 -9.47
C ILE A 59 6.86 4.27 -8.47
N ILE A 60 8.00 3.58 -8.51
CA ILE A 60 9.08 3.90 -7.57
C ILE A 60 9.51 5.35 -7.75
N ASN A 61 9.73 5.77 -9.02
CA ASN A 61 10.14 7.15 -9.25
C ASN A 61 9.10 8.12 -8.73
N ALA A 62 7.80 7.83 -8.96
CA ALA A 62 6.76 8.77 -8.53
C ALA A 62 6.67 8.86 -7.00
N VAL A 63 6.74 7.72 -6.29
CA VAL A 63 6.57 7.80 -4.83
C VAL A 63 7.76 8.52 -4.20
N GLN A 64 8.96 8.37 -4.77
CA GLN A 64 10.11 9.12 -4.28
C GLN A 64 10.00 10.60 -4.62
N GLU A 65 9.76 10.90 -5.90
CA GLU A 65 9.79 12.30 -6.33
C GLU A 65 8.65 13.09 -5.72
N GLY A 66 7.45 12.50 -5.68
CA GLY A 66 6.29 13.25 -5.25
C GLY A 66 6.13 13.29 -3.74
N PHE A 67 6.54 12.22 -3.01
CA PHE A 67 6.30 12.19 -1.58
C PHE A 67 7.54 11.92 -0.72
N ASN A 68 8.69 11.63 -1.31
CA ASN A 68 9.89 11.27 -0.53
C ASN A 68 9.70 9.97 0.22
N PHE A 69 8.95 9.04 -0.35
CA PHE A 69 8.96 7.66 0.15
C PHE A 69 10.38 7.10 0.00
N ASP A 70 10.85 6.37 1.01
CA ASP A 70 12.23 5.93 0.91
C ASP A 70 12.39 4.72 -0.04
N ASN A 71 13.64 4.55 -0.49
CA ASN A 71 13.93 3.67 -1.62
C ASN A 71 13.60 2.20 -1.33
N LYS A 72 14.06 1.68 -0.18
CA LYS A 72 13.79 0.27 0.12
C LYS A 72 12.29 0.03 0.29
N ALA A 73 11.60 0.97 0.93
CA ALA A 73 10.17 0.80 1.10
C ALA A 73 9.46 0.82 -0.25
N ALA A 74 9.87 1.74 -1.13
CA ALA A 74 9.26 1.82 -2.46
C ALA A 74 9.50 0.54 -3.25
N ILE A 75 10.73 0.03 -3.20
CA ILE A 75 11.05 -1.18 -3.94
C ILE A 75 10.24 -2.36 -3.40
N PHE A 76 10.24 -2.55 -2.07
CA PHE A 76 9.52 -3.71 -1.54
C PHE A 76 8.04 -3.64 -1.89
N ALA A 77 7.39 -2.49 -1.61
CA ALA A 77 5.95 -2.39 -1.84
C ALA A 77 5.61 -2.58 -3.30
N THR A 78 6.36 -1.91 -4.19
CA THR A 78 6.03 -1.92 -5.60
C THR A 78 6.22 -3.31 -6.20
N TYR A 79 7.36 -3.97 -5.91
CA TYR A 79 7.53 -5.29 -6.53
C TYR A 79 6.63 -6.33 -5.90
N ALA A 80 6.28 -6.20 -4.60
CA ALA A 80 5.31 -7.13 -4.06
C ALA A 80 3.96 -6.99 -4.78
N ALA A 81 3.51 -5.74 -4.92
CA ALA A 81 2.25 -5.51 -5.61
C ALA A 81 2.31 -6.01 -7.05
N HIS A 82 3.40 -5.72 -7.75
CA HIS A 82 3.50 -6.12 -9.15
C HIS A 82 3.49 -7.65 -9.27
N LEU A 83 4.24 -8.33 -8.40
CA LEU A 83 4.30 -9.77 -8.49
C LEU A 83 2.92 -10.40 -8.35
N VAL A 84 2.07 -9.86 -7.47
CA VAL A 84 0.78 -10.53 -7.25
C VAL A 84 -0.40 -9.91 -7.98
N ASP A 85 -0.27 -8.65 -8.43
CA ASP A 85 -1.37 -7.94 -9.07
C ASP A 85 -1.08 -7.46 -10.49
N GLY A 86 0.20 -7.43 -10.91
CA GLY A 86 0.58 -6.84 -12.16
C GLY A 86 0.84 -7.88 -13.23
N ASN A 87 1.05 -7.39 -14.45
CA ASN A 87 1.40 -8.25 -15.58
C ASN A 87 2.91 -8.28 -15.72
N LEU A 88 3.50 -9.45 -15.50
CA LEU A 88 4.95 -9.56 -15.48
C LEU A 88 5.56 -9.55 -16.88
N ILE A 89 4.79 -9.91 -17.90
CA ILE A 89 5.31 -9.89 -19.26
C ILE A 89 5.29 -8.47 -19.84
N THR A 90 4.20 -7.74 -19.64
CA THR A 90 4.13 -6.38 -20.15
C THR A 90 4.74 -5.35 -19.22
N ASP A 91 5.03 -5.73 -17.96
CA ASP A 91 5.62 -4.84 -16.95
C ASP A 91 4.66 -3.73 -16.55
N LEU A 92 3.36 -4.00 -16.54
CA LEU A 92 2.35 -3.01 -16.27
C LEU A 92 1.50 -3.40 -15.05
N LEU A 93 1.17 -2.42 -14.21
CA LEU A 93 0.35 -2.65 -13.02
C LEU A 93 -0.76 -1.63 -12.96
N SER A 94 -1.98 -2.07 -12.69
CA SER A 94 -3.09 -1.15 -12.45
C SER A 94 -3.15 -0.78 -10.97
N ILE A 95 -3.29 0.52 -10.68
CA ILE A 95 -3.37 0.94 -9.28
C ILE A 95 -4.78 0.76 -8.73
N GLY A 96 -5.67 0.14 -9.51
CA GLY A 96 -7.05 -0.08 -9.10
C GLY A 96 -7.63 -1.36 -9.68
N ARG A 97 -8.71 -1.23 -10.45
CA ARG A 97 -9.42 -2.39 -10.95
C ARG A 97 -8.62 -3.14 -12.01
N LYS A 98 -9.03 -4.39 -12.21
CA LYS A 98 -8.48 -5.18 -13.30
C LYS A 98 -8.82 -4.52 -14.62
N THR A 99 -7.86 -4.51 -15.54
CA THR A 99 -8.08 -3.83 -16.80
C THR A 99 -7.36 -4.56 -17.92
N ARG A 100 -7.97 -4.56 -19.11
CA ARG A 100 -7.25 -5.08 -20.27
C ARG A 100 -6.03 -4.25 -20.62
N LEU A 101 -5.92 -3.04 -20.06
CA LEU A 101 -4.78 -2.21 -20.39
C LEU A 101 -3.47 -2.76 -19.90
N THR A 102 -3.47 -3.79 -19.03
CA THR A 102 -2.21 -4.38 -18.62
C THR A 102 -1.77 -5.48 -19.57
N GLY A 103 -2.55 -5.79 -20.61
CA GLY A 103 -2.10 -6.69 -21.66
C GLY A 103 -2.68 -8.08 -21.54
N PRO A 104 -2.22 -8.99 -22.41
CA PRO A 104 -2.75 -10.35 -22.38
C PRO A 104 -2.43 -11.04 -21.06
N ASP A 105 -3.44 -11.68 -20.47
CA ASP A 105 -3.27 -12.27 -19.15
C ASP A 105 -2.44 -13.56 -19.18
N PRO A 106 -1.78 -13.92 -18.05
CA PRO A 106 -1.12 -15.20 -17.96
C PRO A 106 -2.19 -16.22 -17.64
N PRO A 107 -1.84 -17.52 -17.62
CA PRO A 107 -2.80 -18.56 -17.33
C PRO A 107 -3.30 -18.56 -15.90
N PRO A 108 -4.53 -19.06 -15.67
CA PRO A 108 -5.01 -19.20 -14.31
C PRO A 108 -4.07 -20.21 -13.65
N PRO A 109 -3.72 -20.05 -12.36
CA PRO A 109 -4.52 -19.29 -11.42
C PRO A 109 -4.14 -17.83 -11.16
N ALA A 110 -3.27 -17.26 -11.97
CA ALA A 110 -2.90 -15.83 -11.83
C ALA A 110 -4.10 -14.95 -12.16
N SER A 111 -4.26 -13.84 -11.45
CA SER A 111 -5.48 -13.00 -11.63
C SER A 111 -5.15 -11.64 -12.26
N VAL A 112 -3.91 -11.15 -12.11
CA VAL A 112 -3.54 -9.82 -12.58
C VAL A 112 -4.71 -8.87 -12.37
N GLY A 113 -5.15 -8.74 -11.12
CA GLY A 113 -6.36 -8.03 -10.81
C GLY A 113 -6.18 -6.59 -10.39
N GLY A 114 -4.96 -6.05 -10.51
CA GLY A 114 -4.68 -4.71 -10.05
C GLY A 114 -4.68 -4.65 -8.52
N LEU A 115 -4.40 -3.45 -8.01
CA LEU A 115 -4.37 -3.27 -6.56
C LEU A 115 -5.72 -3.56 -5.91
N ASN A 116 -6.80 -3.51 -6.67
CA ASN A 116 -8.12 -3.83 -6.11
C ASN A 116 -8.29 -5.30 -5.72
N GLU A 117 -7.44 -6.21 -6.17
CA GLU A 117 -7.64 -7.63 -5.92
C GLU A 117 -7.51 -7.93 -4.44
N HIS A 118 -8.59 -8.45 -3.83
CA HIS A 118 -8.54 -8.79 -2.42
C HIS A 118 -7.65 -9.99 -2.13
N GLY A 119 -6.83 -9.87 -1.10
CA GLY A 119 -6.15 -11.00 -0.51
C GLY A 119 -4.81 -11.30 -1.10
N THR A 120 -4.39 -10.54 -2.12
CA THR A 120 -3.02 -10.66 -2.67
C THR A 120 -2.14 -9.62 -1.97
N PHE A 121 -2.41 -8.33 -2.19
CA PHE A 121 -1.82 -7.24 -1.42
C PHE A 121 -2.88 -6.60 -0.53
N GLU A 122 -3.98 -6.12 -1.13
CA GLU A 122 -5.06 -5.45 -0.41
C GLU A 122 -5.70 -6.36 0.65
N GLY A 123 -6.12 -5.77 1.76
CA GLY A 123 -6.77 -6.54 2.80
C GLY A 123 -7.61 -5.68 3.75
N ASP A 124 -8.10 -6.33 4.80
CA ASP A 124 -9.18 -5.83 5.66
C ASP A 124 -8.70 -4.80 6.70
N ALA A 125 -9.69 -4.10 7.28
CA ALA A 125 -9.46 -3.11 8.33
C ALA A 125 -8.66 -1.91 7.81
N SER A 126 -8.84 -1.59 6.54
CA SER A 126 -8.37 -0.32 6.02
C SER A 126 -9.05 0.84 6.72
N MET A 127 -8.45 2.04 6.63
CA MET A 127 -8.96 3.16 7.41
C MET A 127 -10.16 3.81 6.75
N THR A 128 -10.08 4.08 5.44
CA THR A 128 -11.12 4.86 4.76
C THR A 128 -11.78 4.06 3.64
N ARG A 129 -11.38 2.80 3.46
CA ARG A 129 -11.96 1.86 2.53
C ARG A 129 -12.57 0.70 3.33
N GLY A 130 -13.72 0.19 2.83
CA GLY A 130 -14.36 -0.94 3.48
C GLY A 130 -13.70 -2.27 3.17
N ASP A 131 -13.99 -3.26 4.03
CA ASP A 131 -13.52 -4.63 3.76
C ASP A 131 -14.21 -5.14 2.50
N ALA A 132 -13.48 -6.00 1.76
CA ALA A 132 -14.00 -6.55 0.51
C ALA A 132 -15.32 -7.31 0.74
N PHE A 133 -15.50 -7.94 1.91
CA PHE A 133 -16.74 -8.67 2.21
C PHE A 133 -17.96 -7.77 2.11
N PHE A 134 -17.79 -6.47 2.38
CA PHE A 134 -18.92 -5.55 2.37
C PHE A 134 -19.19 -4.92 1.02
N GLY A 135 -18.46 -5.29 -0.01
CA GLY A 135 -18.85 -4.98 -1.38
C GLY A 135 -17.89 -4.07 -2.13
N ASN A 136 -17.01 -3.35 -1.45
CA ASN A 136 -16.18 -2.35 -2.14
C ASN A 136 -14.93 -2.10 -1.31
N ASN A 137 -13.78 -2.60 -1.76
CA ASN A 137 -12.52 -2.44 -1.01
C ASN A 137 -11.64 -1.31 -1.54
N HIS A 138 -12.18 -0.40 -2.37
CA HIS A 138 -11.30 0.54 -3.04
C HIS A 138 -11.79 1.98 -3.03
N ASP A 139 -13.11 2.22 -3.06
CA ASP A 139 -13.57 3.61 -3.12
C ASP A 139 -13.45 4.27 -1.77
N PHE A 140 -13.24 5.59 -1.78
CA PHE A 140 -13.33 6.35 -0.54
C PHE A 140 -14.71 6.17 0.09
N ASN A 141 -14.73 6.03 1.42
CA ASN A 141 -15.97 5.86 2.18
C ASN A 141 -16.11 7.01 3.18
N GLU A 142 -17.19 7.79 3.01
CA GLU A 142 -17.41 8.97 3.84
C GLU A 142 -17.60 8.62 5.30
N THR A 143 -18.37 7.55 5.58
CA THR A 143 -18.62 7.19 6.96
C THR A 143 -17.32 6.81 7.69
N LEU A 144 -16.47 6.03 7.01
CA LEU A 144 -15.18 5.65 7.59
C LEU A 144 -14.26 6.87 7.73
N PHE A 145 -14.28 7.78 6.76
CA PHE A 145 -13.50 8.99 6.89
C PHE A 145 -14.00 9.84 8.05
N GLU A 146 -15.32 9.90 8.25
CA GLU A 146 -15.83 10.68 9.38
C GLU A 146 -15.42 10.05 10.71
N GLN A 147 -15.31 8.72 10.76
CA GLN A 147 -14.75 8.12 11.98
C GLN A 147 -13.27 8.51 12.16
N LEU A 148 -12.50 8.56 11.08
CA LEU A 148 -11.12 9.06 11.19
C LEU A 148 -11.10 10.49 11.73
N VAL A 149 -12.01 11.33 11.26
CA VAL A 149 -12.10 12.70 11.79
C VAL A 149 -12.41 12.67 13.28
N ASP A 150 -13.38 11.84 13.69
CA ASP A 150 -13.76 11.77 15.08
C ASP A 150 -12.59 11.31 15.96
N TYR A 151 -11.84 10.32 15.48
CA TYR A 151 -10.70 9.84 16.26
C TYR A 151 -9.59 10.89 16.30
N SER A 152 -9.44 11.68 15.24
CA SER A 152 -8.51 12.82 15.28
C SER A 152 -8.98 13.87 16.29
N ASN A 153 -10.28 14.13 16.35
CA ASN A 153 -10.79 15.07 17.35
C ASN A 153 -10.58 14.57 18.76
N ARG A 154 -10.70 13.26 19.00
CA ARG A 154 -10.62 12.74 20.36
C ARG A 154 -9.18 12.52 20.82
N PHE A 155 -8.27 12.14 19.91
CA PHE A 155 -6.93 11.76 20.32
C PHE A 155 -5.83 12.59 19.69
N GLY A 156 -6.15 13.50 18.77
CA GLY A 156 -5.10 14.25 18.11
C GLY A 156 -5.35 15.75 18.11
N GLY A 157 -6.27 16.19 18.96
CA GLY A 157 -6.49 17.62 18.99
C GLY A 157 -7.05 18.15 17.69
N GLY A 158 -7.75 17.30 16.93
CA GLY A 158 -8.28 17.68 15.64
C GLY A 158 -7.39 17.31 14.47
N LYS A 159 -6.18 16.83 14.74
CA LYS A 159 -5.23 16.43 13.71
C LYS A 159 -5.01 14.93 13.79
N TYR A 160 -4.66 14.35 12.65
CA TYR A 160 -4.28 12.94 12.60
C TYR A 160 -2.79 12.85 12.93
N ASN A 161 -2.45 12.05 13.95
CA ASN A 161 -1.07 11.83 14.33
C ASN A 161 -0.91 10.38 14.77
N LEU A 162 0.28 10.00 15.23
CA LEU A 162 0.49 8.59 15.54
C LEU A 162 -0.38 8.09 16.70
N THR A 163 -0.75 8.97 17.65
CA THR A 163 -1.67 8.53 18.69
C THR A 163 -3.04 8.19 18.13
N VAL A 164 -3.55 9.06 17.26
CA VAL A 164 -4.78 8.78 16.54
C VAL A 164 -4.65 7.46 15.79
N ALA A 165 -3.54 7.27 15.07
CA ALA A 165 -3.29 6.05 14.31
C ALA A 165 -3.40 4.80 15.19
N GLY A 166 -2.79 4.82 16.39
CA GLY A 166 -2.86 3.65 17.27
C GLY A 166 -4.29 3.31 17.70
N GLU A 167 -5.09 4.35 18.02
CA GLU A 167 -6.47 4.11 18.39
C GLU A 167 -7.35 3.67 17.20
N LEU A 168 -7.20 4.34 16.04
CA LEU A 168 -8.04 4.00 14.87
C LEU A 168 -7.70 2.62 14.32
N ARG A 169 -6.40 2.28 14.23
CA ARG A 169 -6.00 0.95 13.71
C ARG A 169 -6.73 -0.15 14.49
N PHE A 170 -6.69 -0.03 15.81
CA PHE A 170 -7.36 -1.04 16.68
C PHE A 170 -8.89 -1.02 16.50
N LYS A 171 -9.47 0.16 16.44
CA LYS A 171 -10.93 0.27 16.19
C LYS A 171 -11.31 -0.48 14.91
N ARG A 172 -10.56 -0.27 13.82
CA ARG A 172 -10.93 -0.91 12.53
C ARG A 172 -10.77 -2.43 12.64
N ILE A 173 -9.74 -2.89 13.40
CA ILE A 173 -9.65 -4.33 13.67
C ILE A 173 -10.89 -4.82 14.42
N GLN A 174 -11.27 -4.11 15.49
CA GLN A 174 -12.38 -4.57 16.32
C GLN A 174 -13.68 -4.59 15.52
N ASP A 175 -13.88 -3.58 14.69
CA ASP A 175 -15.10 -3.55 13.86
C ASP A 175 -15.12 -4.68 12.84
N SER A 176 -13.98 -4.98 12.22
CA SER A 176 -13.95 -6.14 11.32
C SER A 176 -14.21 -7.45 12.08
N ILE A 177 -13.62 -7.61 13.28
CA ILE A 177 -13.92 -8.83 14.03
C ILE A 177 -15.41 -8.95 14.29
N ALA A 178 -16.06 -7.84 14.60
CA ALA A 178 -17.45 -7.87 14.99
C ALA A 178 -18.42 -8.03 13.82
N THR A 179 -17.99 -7.76 12.58
CA THR A 179 -18.93 -7.68 11.45
C THR A 179 -18.53 -8.44 10.23
N ASN A 180 -17.28 -8.83 10.08
CA ASN A 180 -16.83 -9.49 8.87
C ASN A 180 -16.47 -10.94 9.18
N PRO A 181 -17.32 -11.91 8.87
CA PRO A 181 -17.04 -13.31 9.27
C PRO A 181 -15.84 -13.88 8.56
N ASN A 182 -15.39 -13.21 7.50
CA ASN A 182 -14.23 -13.62 6.71
C ASN A 182 -12.98 -12.79 7.00
N PHE A 183 -13.00 -11.96 8.04
CA PHE A 183 -11.87 -11.07 8.37
C PHE A 183 -10.57 -11.86 8.42
N SER A 184 -9.54 -11.39 7.69
CA SER A 184 -8.22 -12.01 7.71
C SER A 184 -7.17 -10.97 8.09
N PHE A 185 -6.30 -11.32 9.04
CA PHE A 185 -5.33 -10.36 9.55
C PHE A 185 -4.00 -11.06 9.84
N VAL A 186 -3.40 -11.63 8.78
CA VAL A 186 -2.18 -12.41 8.92
C VAL A 186 -1.12 -11.91 7.94
N ASP A 187 0.12 -12.30 8.21
CA ASP A 187 1.21 -12.21 7.24
C ASP A 187 1.28 -10.84 6.60
N PHE A 188 1.20 -10.75 5.26
CA PHE A 188 1.49 -9.50 4.56
C PHE A 188 0.59 -8.36 5.03
N ARG A 189 -0.72 -8.66 5.16
CA ARG A 189 -1.69 -7.64 5.57
C ARG A 189 -1.46 -7.23 7.03
N PHE A 190 -1.06 -8.17 7.88
CA PHE A 190 -0.75 -7.80 9.26
C PHE A 190 0.36 -6.73 9.29
N PHE A 191 1.37 -6.86 8.41
CA PHE A 191 2.38 -5.80 8.35
C PHE A 191 1.84 -4.50 7.74
N THR A 192 1.20 -4.58 6.58
CA THR A 192 0.80 -3.34 5.90
C THR A 192 -0.28 -2.58 6.68
N ALA A 193 -1.14 -3.27 7.42
CA ALA A 193 -2.16 -2.59 8.20
C ALA A 193 -1.54 -1.63 9.21
N TYR A 194 -0.41 -2.00 9.83
CA TYR A 194 0.22 -1.04 10.74
C TYR A 194 1.01 0.01 9.97
N ALA A 195 1.72 -0.40 8.92
CA ALA A 195 2.53 0.57 8.18
C ALA A 195 1.68 1.69 7.60
N GLU A 196 0.51 1.35 7.05
CA GLU A 196 -0.26 2.35 6.31
C GLU A 196 -0.78 3.46 7.21
N THR A 197 -0.96 3.19 8.50
CA THR A 197 -1.47 4.21 9.39
C THR A 197 -0.44 5.29 9.69
N THR A 198 0.86 5.03 9.46
CA THR A 198 1.87 6.06 9.67
C THR A 198 2.00 7.00 8.48
N PHE A 199 1.65 6.52 7.28
CA PHE A 199 1.86 7.31 6.08
C PHE A 199 1.16 8.66 6.09
N PRO A 200 -0.05 8.84 6.62
CA PRO A 200 -0.62 10.21 6.57
C PRO A 200 0.16 11.19 7.44
N ALA A 201 0.67 10.71 8.58
CA ALA A 201 1.48 11.54 9.47
C ALA A 201 2.87 11.81 8.91
N ASN A 202 3.46 10.85 8.22
CA ASN A 202 4.83 10.97 7.74
C ASN A 202 4.94 11.56 6.34
N LEU A 203 3.91 11.44 5.52
CA LEU A 203 4.03 11.79 4.11
C LEU A 203 2.98 12.77 3.60
N PHE A 204 1.85 12.93 4.27
CA PHE A 204 0.84 13.88 3.82
C PHE A 204 0.96 15.21 4.54
N VAL A 205 1.87 15.32 5.51
CA VAL A 205 2.11 16.57 6.22
C VAL A 205 3.11 17.41 5.42
N ASP A 206 2.78 18.67 5.17
CA ASP A 206 3.64 19.53 4.37
C ASP A 206 5.06 19.50 4.94
N GLY A 207 6.04 19.29 4.07
CA GLY A 207 7.42 19.04 4.48
C GLY A 207 8.12 20.22 5.12
N ARG A 208 7.58 21.44 4.96
CA ARG A 208 8.15 22.59 5.68
C ARG A 208 7.83 22.52 7.17
N ARG A 209 6.79 21.79 7.55
CA ARG A 209 6.43 21.58 8.95
C ARG A 209 6.93 20.23 9.44
N ASP A 210 6.59 19.15 8.74
CA ASP A 210 7.03 17.80 9.08
C ASP A 210 6.87 17.47 10.56
N ASP A 211 5.75 17.86 11.14
CA ASP A 211 5.54 17.72 12.58
C ASP A 211 4.61 16.57 12.90
N GLY A 212 4.23 15.79 11.91
CA GLY A 212 3.44 14.62 12.19
C GLY A 212 2.01 14.90 12.52
N GLN A 213 1.53 16.12 12.32
CA GLN A 213 0.14 16.49 12.64
C GLN A 213 -0.58 16.83 11.33
N LEU A 214 -1.42 15.93 10.84
CA LEU A 214 -2.11 16.13 9.56
C LEU A 214 -3.49 16.76 9.80
N ASP A 215 -3.76 17.92 9.19
CA ASP A 215 -5.07 18.53 9.38
C ASP A 215 -6.13 17.87 8.51
N MET A 216 -7.41 18.04 8.90
CA MET A 216 -8.49 17.27 8.25
C MET A 216 -8.81 17.73 6.83
N ASP A 217 -8.53 19.00 6.47
CA ASP A 217 -8.72 19.44 5.08
C ASP A 217 -7.74 18.75 4.13
N ALA A 218 -6.46 18.74 4.50
CA ALA A 218 -5.46 18.03 3.72
C ALA A 218 -5.79 16.53 3.68
N ALA A 219 -6.18 15.97 4.82
CA ALA A 219 -6.53 14.56 4.85
C ALA A 219 -7.65 14.26 3.84
N ARG A 220 -8.72 15.04 3.86
CA ARG A 220 -9.81 14.75 2.93
C ARG A 220 -9.33 14.94 1.49
N SER A 221 -8.50 15.95 1.24
CA SER A 221 -8.00 16.19 -0.12
C SER A 221 -7.25 14.97 -0.67
N PHE A 222 -6.33 14.40 0.13
CA PHE A 222 -5.63 13.19 -0.31
C PHE A 222 -6.57 11.98 -0.34
N PHE A 223 -7.29 11.70 0.75
CA PHE A 223 -7.98 10.42 0.90
C PHE A 223 -9.20 10.31 -0.01
N GLN A 224 -9.89 11.41 -0.28
CA GLN A 224 -11.08 11.39 -1.13
C GLN A 224 -10.75 11.83 -2.56
N PHE A 225 -10.06 12.97 -2.73
CA PHE A 225 -9.96 13.56 -4.07
C PHE A 225 -8.64 13.32 -4.74
N SER A 226 -7.69 12.62 -4.08
CA SER A 226 -6.40 12.33 -4.71
C SER A 226 -5.67 13.62 -5.09
N ARG A 227 -5.76 14.62 -4.23
CA ARG A 227 -5.36 15.98 -4.60
C ARG A 227 -4.42 16.51 -3.54
N MET A 228 -3.25 16.95 -3.96
CA MET A 228 -2.34 17.64 -3.02
C MET A 228 -2.92 18.98 -2.61
N PRO A 229 -2.78 19.39 -1.35
CA PRO A 229 -3.09 20.78 -0.98
C PRO A 229 -2.39 21.80 -1.86
N ASP A 230 -3.03 22.96 -2.03
CA ASP A 230 -2.37 24.07 -2.68
C ASP A 230 -1.04 24.33 -1.98
N ASP A 231 0.02 24.46 -2.80
CA ASP A 231 1.38 24.78 -2.34
C ASP A 231 2.02 23.63 -1.54
N PHE A 232 1.58 22.39 -1.75
CA PHE A 232 2.10 21.29 -0.96
C PHE A 232 3.58 21.07 -1.22
N PHE A 233 4.37 21.08 -0.15
CA PHE A 233 5.76 20.65 -0.21
C PHE A 233 5.85 19.21 0.32
N ARG A 234 6.61 18.37 -0.39
CA ARG A 234 6.87 17.01 0.06
C ARG A 234 7.75 17.03 1.30
N ALA A 235 7.73 15.92 2.03
CA ALA A 235 8.58 15.65 3.19
C ALA A 235 10.03 16.02 2.93
N PRO A 236 10.76 16.44 3.95
CA PRO A 236 12.13 16.97 3.78
C PRO A 236 13.23 15.92 3.74
N SER A 237 12.90 14.62 3.79
CA SER A 237 13.87 13.55 3.79
C SER A 237 13.13 12.24 3.50
N PRO A 238 13.83 11.20 3.09
CA PRO A 238 13.15 9.94 2.75
C PRO A 238 12.65 9.24 4.00
N ARG A 239 11.40 8.76 3.92
CA ARG A 239 10.86 7.98 5.05
C ARG A 239 9.67 7.18 4.56
N SER A 240 9.24 6.25 5.42
CA SER A 240 8.02 5.50 5.17
C SER A 240 7.29 5.25 6.49
N VAL A 241 7.76 4.26 7.26
CA VAL A 241 7.01 3.75 8.41
C VAL A 241 7.50 4.27 9.76
N THR A 242 8.36 5.29 9.81
CA THR A 242 8.91 5.63 11.12
C THR A 242 7.81 6.06 12.08
N GLY A 243 7.87 5.56 13.31
CA GLY A 243 6.79 5.75 14.26
C GLY A 243 5.79 4.61 14.34
N VAL A 244 5.88 3.60 13.46
CA VAL A 244 4.92 2.52 13.53
C VAL A 244 4.97 1.83 14.90
N GLU A 245 6.10 1.92 15.59
CA GLU A 245 6.16 1.28 16.89
C GLU A 245 5.15 1.87 17.86
N VAL A 246 4.81 3.16 17.70
CA VAL A 246 3.83 3.80 18.57
C VAL A 246 2.45 3.22 18.31
N VAL A 247 2.16 2.94 17.03
CA VAL A 247 0.86 2.40 16.64
C VAL A 247 0.68 0.99 17.21
N VAL A 248 1.73 0.17 17.10
CA VAL A 248 1.66 -1.19 17.63
C VAL A 248 1.54 -1.16 19.15
N GLN A 249 2.37 -0.35 19.82
CA GLN A 249 2.36 -0.36 21.28
C GLN A 249 1.04 0.09 21.86
N ALA A 250 0.28 0.93 21.13
CA ALA A 250 -1.03 1.34 21.63
C ALA A 250 -1.94 0.15 21.99
N HIS A 251 -1.95 -0.88 21.15
CA HIS A 251 -2.85 -2.03 21.27
C HIS A 251 -2.25 -3.26 20.59
N PRO A 252 -1.24 -3.89 21.19
CA PRO A 252 -0.54 -4.98 20.49
C PRO A 252 -1.49 -6.12 20.17
N MET A 253 -1.44 -6.56 18.92
CA MET A 253 -2.27 -7.63 18.41
C MET A 253 -1.42 -8.79 17.93
N GLN A 254 -2.03 -9.99 17.92
CA GLN A 254 -1.52 -11.21 17.30
C GLN A 254 -2.18 -11.39 15.93
N PRO A 255 -1.45 -11.90 14.94
CA PRO A 255 -2.08 -12.23 13.64
C PRO A 255 -3.13 -13.32 13.79
N GLY A 256 -4.22 -13.18 13.04
CA GLY A 256 -5.26 -14.19 13.10
C GLY A 256 -6.38 -13.87 12.12
N ARG A 257 -7.48 -14.58 12.28
CA ARG A 257 -8.59 -14.41 11.34
C ARG A 257 -9.88 -14.80 12.06
N ASN A 258 -10.99 -14.25 11.59
CA ASN A 258 -12.27 -14.88 11.91
C ASN A 258 -12.37 -16.17 11.13
N VAL A 259 -13.11 -17.14 11.69
CA VAL A 259 -13.11 -18.47 11.08
C VAL A 259 -14.47 -18.77 10.47
N GLY A 260 -15.00 -17.83 9.72
CA GLY A 260 -16.24 -18.01 9.00
C GLY A 260 -17.46 -17.51 9.75
N LYS A 261 -17.28 -16.96 10.94
CA LYS A 261 -18.35 -16.35 11.74
C LYS A 261 -17.80 -15.06 12.33
N ILE A 262 -18.68 -14.09 12.60
CA ILE A 262 -18.22 -12.93 13.38
C ILE A 262 -17.79 -13.34 14.79
N ASN A 263 -16.97 -12.50 15.40
CA ASN A 263 -16.50 -12.69 16.77
C ASN A 263 -15.91 -14.08 16.97
N SER A 264 -15.03 -14.50 16.06
CA SER A 264 -14.39 -15.80 16.19
C SER A 264 -12.90 -15.67 15.91
N TYR A 265 -12.32 -14.54 16.31
CA TYR A 265 -10.93 -14.27 15.97
C TYR A 265 -10.00 -15.30 16.60
N THR A 266 -9.26 -15.98 15.75
CA THR A 266 -8.47 -17.15 16.13
C THR A 266 -7.04 -16.91 15.68
N VAL A 267 -6.09 -16.95 16.62
CA VAL A 267 -4.71 -16.63 16.30
C VAL A 267 -4.13 -17.72 15.41
N ASP A 268 -3.32 -17.31 14.43
CA ASP A 268 -2.70 -18.23 13.49
C ASP A 268 -1.21 -18.34 13.80
N PRO A 269 -0.76 -19.46 14.38
CA PRO A 269 0.66 -19.62 14.74
C PRO A 269 1.58 -19.82 13.55
N THR A 270 1.03 -20.06 12.36
CA THR A 270 1.85 -20.17 11.16
C THR A 270 2.11 -18.83 10.52
N SER A 271 1.43 -17.79 10.97
CA SER A 271 1.66 -16.46 10.45
C SER A 271 2.97 -15.90 10.98
N SER A 272 3.64 -15.12 10.12
CA SER A 272 4.65 -14.21 10.61
C SER A 272 4.03 -13.16 11.52
N ASP A 273 4.89 -12.48 12.30
CA ASP A 273 4.49 -11.29 13.05
C ASP A 273 5.71 -10.38 13.10
N PHE A 274 5.67 -9.35 13.94
CA PHE A 274 6.78 -8.40 13.95
C PHE A 274 8.07 -9.01 14.52
N SER A 275 7.98 -10.17 15.17
CA SER A 275 9.16 -10.88 15.63
C SER A 275 9.85 -11.70 14.53
N THR A 276 9.19 -11.87 13.38
CA THR A 276 9.71 -12.72 12.29
C THR A 276 9.51 -12.03 10.93
N PRO A 277 10.12 -10.87 10.71
CA PRO A 277 9.88 -10.18 9.43
C PRO A 277 10.40 -10.95 8.22
N CYS A 278 11.51 -11.70 8.38
CA CYS A 278 12.01 -12.48 7.25
C CYS A 278 11.01 -13.55 6.86
N LEU A 279 10.31 -14.12 7.84
CA LEU A 279 9.29 -15.10 7.54
C LEU A 279 8.17 -14.51 6.70
N MET A 280 7.85 -13.22 6.91
CA MET A 280 6.79 -12.65 6.09
C MET A 280 7.24 -12.59 4.63
N TYR A 281 8.51 -12.19 4.41
CA TYR A 281 9.03 -12.21 3.03
C TYR A 281 9.03 -13.64 2.46
N GLU A 282 9.47 -14.62 3.25
CA GLU A 282 9.58 -15.97 2.73
C GLU A 282 8.22 -16.56 2.38
N LYS A 283 7.20 -16.31 3.21
CA LYS A 283 5.87 -16.83 2.91
C LYS A 283 5.26 -16.10 1.72
N PHE A 284 5.55 -14.79 1.58
CA PHE A 284 5.02 -14.08 0.43
C PHE A 284 5.52 -14.71 -0.87
N VAL A 285 6.81 -15.05 -0.92
CA VAL A 285 7.36 -15.66 -2.12
C VAL A 285 6.96 -17.14 -2.25
N ASN A 286 7.19 -17.94 -1.20
CA ASN A 286 6.97 -19.38 -1.30
C ASN A 286 5.51 -19.78 -1.43
N ILE A 287 4.59 -19.01 -0.83
CA ILE A 287 3.18 -19.36 -0.84
C ILE A 287 2.38 -18.44 -1.76
N THR A 288 2.38 -17.13 -1.50
CA THR A 288 1.48 -16.24 -2.25
C THR A 288 1.86 -16.17 -3.72
N VAL A 289 3.12 -15.82 -4.00
CA VAL A 289 3.53 -15.68 -5.40
C VAL A 289 3.45 -17.03 -6.10
N LYS A 290 3.98 -18.06 -5.45
CA LYS A 290 4.01 -19.39 -6.07
C LYS A 290 2.61 -19.93 -6.30
N SER A 291 1.66 -19.62 -5.41
CA SER A 291 0.29 -20.07 -5.63
C SER A 291 -0.32 -19.44 -6.87
N LEU A 292 0.08 -18.19 -7.21
CA LEU A 292 -0.43 -17.58 -8.44
C LEU A 292 0.26 -18.12 -9.69
N TYR A 293 1.51 -18.56 -9.58
CA TYR A 293 2.31 -19.03 -10.70
C TYR A 293 2.97 -20.36 -10.31
N PRO A 294 2.18 -21.43 -10.22
CA PRO A 294 2.77 -22.70 -9.73
C PRO A 294 3.72 -23.38 -10.70
N ASN A 295 3.52 -23.19 -12.01
CA ASN A 295 4.28 -23.92 -13.03
C ASN A 295 4.43 -23.03 -14.27
N PRO A 296 5.14 -21.92 -14.15
CA PRO A 296 5.20 -20.96 -15.25
C PRO A 296 6.00 -21.45 -16.44
N THR A 297 5.56 -21.02 -17.62
CA THR A 297 6.34 -21.23 -18.83
C THR A 297 7.57 -20.33 -18.81
N VAL A 298 8.39 -20.44 -19.85
CA VAL A 298 9.77 -19.97 -19.79
C VAL A 298 9.83 -18.45 -19.68
N GLN A 299 9.01 -17.73 -20.46
CA GLN A 299 9.07 -16.27 -20.43
C GLN A 299 8.55 -15.75 -19.08
N LEU A 300 7.50 -16.38 -18.57
CA LEU A 300 6.95 -15.98 -17.28
C LEU A 300 7.92 -16.31 -16.16
N ARG A 301 8.58 -17.48 -16.21
CA ARG A 301 9.55 -17.81 -15.18
C ARG A 301 10.68 -16.79 -15.15
N LYS A 302 11.14 -16.38 -16.32
CA LYS A 302 12.23 -15.42 -16.32
C LYS A 302 11.78 -14.07 -15.75
N ALA A 303 10.57 -13.63 -16.10
CA ALA A 303 10.03 -12.38 -15.54
C ALA A 303 9.82 -12.49 -14.03
N LEU A 304 9.29 -13.62 -13.58
CA LEU A 304 9.15 -13.85 -12.14
C LEU A 304 10.49 -13.76 -11.44
N ASN A 305 11.51 -14.48 -11.96
CA ASN A 305 12.81 -14.46 -11.31
C ASN A 305 13.40 -13.03 -11.24
N THR A 306 13.25 -12.26 -12.33
CA THR A 306 13.76 -10.88 -12.35
C THR A 306 13.06 -10.01 -11.31
N ASN A 307 11.72 -10.05 -11.28
CA ASN A 307 11.01 -9.24 -10.31
C ASN A 307 11.22 -9.73 -8.88
N LEU A 308 11.48 -11.04 -8.69
CA LEU A 308 11.77 -11.53 -7.34
C LEU A 308 13.16 -11.07 -6.85
N ASP A 309 14.16 -11.02 -7.74
CA ASP A 309 15.42 -10.36 -7.37
C ASP A 309 15.19 -8.89 -6.99
N PHE A 310 14.37 -8.19 -7.77
CA PHE A 310 14.11 -6.78 -7.44
C PHE A 310 13.43 -6.64 -6.08
N LEU A 311 12.46 -7.51 -5.80
CA LEU A 311 11.78 -7.48 -4.50
C LEU A 311 12.77 -7.67 -3.37
N PHE A 312 13.70 -8.63 -3.53
CA PHE A 312 14.69 -8.84 -2.48
C PHE A 312 15.54 -7.61 -2.22
N GLN A 313 15.76 -6.76 -3.24
CA GLN A 313 16.49 -5.51 -2.99
C GLN A 313 15.82 -4.63 -1.92
N GLY A 314 14.52 -4.75 -1.72
CA GLY A 314 13.84 -3.97 -0.70
C GLY A 314 13.69 -4.63 0.64
N VAL A 315 14.15 -5.87 0.78
CA VAL A 315 14.10 -6.59 2.04
C VAL A 315 15.20 -6.11 2.96
N ALA A 316 14.86 -5.93 4.23
CA ALA A 316 15.82 -5.48 5.22
C ALA A 316 17.01 -6.42 5.28
N ALA A 317 18.19 -5.85 5.53
CA ALA A 317 19.39 -6.66 5.71
C ALA A 317 19.18 -7.65 6.85
N GLY A 318 19.69 -8.87 6.66
CA GLY A 318 19.57 -9.92 7.64
C GLY A 318 18.71 -11.07 7.21
N CYS A 319 17.89 -10.90 6.18
CA CYS A 319 17.10 -11.99 5.61
C CYS A 319 17.90 -12.69 4.52
N THR A 320 17.46 -13.89 4.17
CA THR A 320 18.08 -14.71 3.15
C THR A 320 17.13 -14.85 1.97
N GLN A 321 17.64 -14.66 0.75
CA GLN A 321 16.80 -14.78 -0.45
C GLN A 321 16.36 -16.21 -0.70
N VAL A 322 15.10 -16.38 -1.10
CA VAL A 322 14.53 -17.69 -1.43
C VAL A 322 14.22 -17.71 -2.93
N PHE A 323 14.30 -18.90 -3.52
CA PHE A 323 14.26 -19.05 -4.99
C PHE A 323 13.23 -20.11 -5.34
N PRO A 324 11.95 -19.71 -5.51
CA PRO A 324 10.90 -20.72 -5.77
C PRO A 324 10.99 -21.34 -7.14
N TYR A 325 11.70 -20.72 -8.07
CA TYR A 325 11.86 -21.22 -9.44
C TYR A 325 13.32 -21.51 -9.77
N GLY A 326 14.14 -21.77 -8.75
CA GLY A 326 15.56 -22.01 -8.96
C GLY A 326 16.34 -20.77 -9.37
CHA HEM B . -3.04 1.73 1.29
CHB HEM B . -0.34 0.06 -2.39
CHC HEM B . 2.80 3.76 -1.66
CHD HEM B . -0.34 5.82 1.39
C1A HEM B . -2.59 0.98 0.22
C2A HEM B . -3.22 -0.22 -0.30
C3A HEM B . -2.48 -0.66 -1.30
C4A HEM B . -1.35 0.23 -1.48
CMA HEM B . -2.75 -1.89 -2.19
CAA HEM B . -4.51 -0.90 0.21
CBA HEM B . -4.01 -1.65 1.50
CGA HEM B . -5.01 -2.65 2.01
O1A HEM B . -4.60 -3.72 2.54
O2A HEM B . -6.22 -2.41 1.91
C1B HEM B . 0.80 0.87 -2.43
C2B HEM B . 1.99 0.64 -3.24
C3B HEM B . 2.85 1.63 -3.05
C4B HEM B . 2.26 2.58 -2.11
CMB HEM B . 2.15 -0.58 -4.17
CAB HEM B . 4.25 1.74 -3.77
CBB HEM B . 5.30 2.33 -3.19
C1C HEM B . 2.18 4.70 -0.87
C2C HEM B . 2.65 6.05 -0.62
C3C HEM B . 1.78 6.63 0.22
C4C HEM B . 0.73 5.65 0.55
CMC HEM B . 3.89 6.72 -1.22
CAC HEM B . 1.92 8.09 0.71
CBC HEM B . 1.24 8.44 1.77
C1D HEM B . -1.29 4.83 1.67
C2D HEM B . -2.30 4.90 2.72
C3D HEM B . -3.02 3.79 2.70
C4D HEM B . -2.53 2.96 1.63
CMD HEM B . -2.50 6.07 3.71
CAD HEM B . -4.18 3.42 3.62
CBD HEM B . -5.52 3.84 3.00
CGD HEM B . -6.65 3.53 3.99
O1D HEM B . -6.54 2.54 4.78
O2D HEM B . -7.64 4.31 4.01
NA HEM B . -1.44 1.22 -0.52
NB HEM B . 1.00 2.07 -1.74
NC HEM B . 1.01 4.50 -0.16
ND HEM B . -1.45 3.60 1.04
FE HEM B . -0.25 2.89 -0.41
MG MG C . -8.10 -2.78 2.33
C1 NAG D . -19.11 2.85 4.05
C2 NAG D . -20.05 1.92 3.25
C3 NAG D . -21.31 1.58 4.09
C4 NAG D . -20.91 1.08 5.48
C5 NAG D . -20.01 2.13 6.15
C6 NAG D . -19.55 1.80 7.56
C7 NAG D . -20.87 3.42 1.35
C8 NAG D . -21.17 4.49 2.33
N2 NAG D . -20.36 2.31 1.87
O3 NAG D . -22.11 0.65 3.37
O4 NAG D . -22.08 0.85 6.23
O5 NAG D . -18.87 2.31 5.33
O6 NAG D . -18.81 0.59 7.59
O7 NAG D . -21.10 3.62 0.13
C1 NAG E . -1.38 13.68 19.00
C2 NAG E . -0.06 13.59 19.79
C3 NAG E . -0.33 13.59 21.29
C4 NAG E . -1.16 14.81 21.63
C5 NAG E . -2.42 14.89 20.75
C6 NAG E . -3.16 16.19 20.97
C7 NAG E . 1.76 12.50 18.53
C8 NAG E . 2.43 11.17 18.29
N2 NAG E . 0.72 12.45 19.41
O3 NAG E . 0.92 13.65 21.96
O4 NAG E . -1.49 14.72 23.01
O5 NAG E . -2.01 14.88 19.38
O6 NAG E . -2.39 17.30 20.52
O7 NAG E . 2.18 13.51 17.98
C1 NAG F . 10.93 -21.12 1.18
C2 NAG F . 11.06 -21.68 2.60
C3 NAG F . 12.53 -21.90 2.93
C4 NAG F . 13.16 -22.80 1.87
C5 NAG F . 12.92 -22.23 0.48
C6 NAG F . 13.44 -23.20 -0.57
C7 NAG F . 9.22 -20.91 4.07
C8 NAG F . 8.39 -22.06 3.58
N2 NAG F . 10.46 -20.80 3.58
O3 NAG F . 12.62 -22.48 4.20
O4 NAG F . 14.53 -22.87 2.18
O5 NAG F . 11.53 -22.02 0.25
O6 NAG F . 13.06 -22.75 -1.84
O7 NAG F . 8.74 -20.13 4.89
#